data_7KKW
#
_entry.id   7KKW
#
_cell.length_a   81.330
_cell.length_b   81.330
_cell.length_c   242.880
_cell.angle_alpha   90.000
_cell.angle_beta   90.000
_cell.angle_gamma   120.000
#
_symmetry.space_group_name_H-M   'P 61 2 2'
#
loop_
_entity.id
_entity.type
_entity.pdbx_description
1 polymer 'Superoxide dismutase [Mn], mitochondrial'
2 non-polymer 'MANGANESE (II) ION'
3 non-polymer deuterium(1+)
4 water water
#
_entity_poly.entity_id   1
_entity_poly.type   'polypeptide(L)'
_entity_poly.pdbx_seq_one_letter_code
;MKHSLPDLPYDYGALEPHINAQIMQLHHSKHHAAYVNNLNVTEEKYQEALAKGDVTAQIALQPALKFNGGGHINHSIFWT
NLSPNGGGEPKGELLEAIKRDFGSFDKFKEKLTAASVGVQGSGWGWLGFNKERGHLQIAACPNQDPLQGTTGLIPLLGID
VWEHAYYLQYKNVRPDYLKAIWNVINWENVTERYMACKK
;
_entity_poly.pdbx_strand_id   A,B
#
loop_
_chem_comp.id
_chem_comp.type
_chem_comp.name
_chem_comp.formula
D8U non-polymer deuterium(1+) 'D 1'
MN non-polymer 'MANGANESE (II) ION' 'Mn 2'
#
# COMPACT_ATOMS: atom_id res chain seq x y z
N MET A 1 20.90 -8.63 11.71
CA MET A 1 19.75 -9.56 11.51
C MET A 1 19.27 -9.57 10.06
N LYS A 2 19.67 -10.61 9.32
CA LYS A 2 19.25 -10.80 7.94
C LYS A 2 18.24 -11.94 7.90
N HIS A 3 17.25 -11.81 7.03
CA HIS A 3 16.24 -12.85 6.93
C HIS A 3 16.79 -14.03 6.14
N SER A 4 16.36 -15.22 6.54
CA SER A 4 16.86 -16.46 5.97
C SER A 4 15.71 -17.39 5.64
N LEU A 5 15.93 -18.22 4.63
CA LEU A 5 14.96 -19.25 4.26
C LEU A 5 14.99 -20.38 5.30
N PRO A 6 13.89 -20.61 6.04
CA PRO A 6 13.89 -21.70 7.03
C PRO A 6 13.88 -23.06 6.36
N ASP A 7 14.58 -24.01 6.97
CA ASP A 7 14.55 -25.39 6.51
C ASP A 7 13.16 -25.99 6.67
N LEU A 8 12.77 -26.79 5.71
CA LEU A 8 11.51 -27.50 5.80
C LEU A 8 11.62 -28.58 6.88
N PRO A 9 10.61 -28.71 7.75
CA PRO A 9 10.71 -29.66 8.86
C PRO A 9 10.48 -31.12 8.48
N TYR A 10 10.40 -31.42 7.18
CA TYR A 10 10.17 -32.77 6.70
C TYR A 10 10.71 -32.87 5.28
N ASP A 11 10.89 -34.11 4.83
CA ASP A 11 11.34 -34.36 3.46
C ASP A 11 10.33 -33.79 2.46
N TYR A 12 10.84 -33.41 1.28
CA TYR A 12 9.97 -32.84 0.24
C TYR A 12 8.85 -33.79 -0.11
N GLY A 13 9.06 -35.09 0.04
CA GLY A 13 8.07 -36.10 -0.28
C GLY A 13 7.27 -36.61 0.89
N ALA A 14 7.38 -35.99 2.07
CA ALA A 14 6.69 -36.47 3.25
C ALA A 14 5.18 -36.32 3.14
N LEU A 15 4.68 -35.51 2.22
CA LEU A 15 3.26 -35.25 2.13
C LEU A 15 2.59 -35.99 0.98
N GLU A 16 3.32 -36.81 0.23
CA GLU A 16 2.68 -37.61 -0.80
C GLU A 16 1.66 -38.56 -0.15
N PRO A 17 0.57 -38.89 -0.86
CA PRO A 17 0.23 -38.46 -2.21
C PRO A 17 -0.59 -37.17 -2.26
N HIS A 18 -0.71 -36.51 -1.11
CA HIS A 18 -1.54 -35.32 -1.04
C HIS A 18 -0.90 -34.16 -1.79
N ILE A 19 0.39 -33.91 -1.56
CA ILE A 19 1.13 -32.86 -2.27
C ILE A 19 2.45 -33.49 -2.71
N ASN A 20 2.63 -33.62 -4.03
CA ASN A 20 3.76 -34.37 -4.55
C ASN A 20 5.06 -33.62 -4.27
N ALA A 21 6.18 -34.34 -4.39
CA ALA A 21 7.46 -33.76 -4.02
C ALA A 21 7.86 -32.63 -4.96
N GLN A 22 7.49 -32.72 -6.23
CA GLN A 22 7.87 -31.70 -7.20
C GLN A 22 7.29 -30.34 -6.81
N ILE A 23 6.03 -30.31 -6.39
CA ILE A 23 5.47 -29.05 -5.91
C ILE A 23 6.22 -28.57 -4.69
N MET A 24 6.36 -29.43 -3.67
CA MET A 24 6.99 -29.00 -2.44
C MET A 24 8.42 -28.52 -2.67
N GLN A 25 9.14 -29.18 -3.59
CA GLN A 25 10.52 -28.80 -3.86
C GLN A 25 10.59 -27.44 -4.54
N LEU A 26 9.74 -27.20 -5.53
CA LEU A 26 9.69 -25.89 -6.18
C LEU A 26 9.15 -24.82 -5.23
N HIS A 27 8.09 -25.14 -4.50
CA HIS A 27 7.42 -24.15 -3.65
C HIS A 27 8.36 -23.64 -2.57
N HIS A 28 9.15 -24.53 -1.98
CA HIS A 28 10.06 -24.13 -0.91
C HIS A 28 11.37 -23.56 -1.46
N SER A 29 12.04 -24.30 -2.36
CA SER A 29 13.41 -23.96 -2.74
C SER A 29 13.48 -22.89 -3.83
N LYS A 30 12.42 -22.70 -4.61
CA LYS A 30 12.41 -21.69 -5.66
C LYS A 30 11.57 -20.49 -5.26
N HIS A 31 10.29 -20.69 -4.96
CA HIS A 31 9.39 -19.57 -4.74
C HIS A 31 9.72 -18.83 -3.44
N HIS A 32 9.77 -19.56 -2.32
CA HIS A 32 10.03 -18.93 -1.03
C HIS A 32 11.41 -18.29 -0.99
N ALA A 33 12.41 -18.95 -1.58
CA ALA A 33 13.77 -18.41 -1.54
C ALA A 33 13.86 -17.03 -2.19
N ALA A 34 13.12 -16.83 -3.28
CA ALA A 34 13.18 -15.57 -4.00
C ALA A 34 12.58 -14.43 -3.19
N TYR A 35 11.47 -14.67 -2.52
CA TYR A 35 10.86 -13.64 -1.69
C TYR A 35 11.83 -13.19 -0.60
N VAL A 36 12.46 -14.14 0.08
CA VAL A 36 13.38 -13.82 1.16
C VAL A 36 14.55 -12.99 0.64
N ASN A 37 15.29 -13.54 -0.33
CA ASN A 37 16.44 -12.81 -0.86
C ASN A 37 16.04 -11.40 -1.27
N ASN A 38 14.96 -11.28 -2.04
CA ASN A 38 14.51 -9.98 -2.50
C ASN A 38 14.10 -9.09 -1.34
N LEU A 39 13.50 -9.66 -0.30
CA LEU A 39 13.18 -8.90 0.90
C LEU A 39 14.44 -8.29 1.52
N ASN A 40 15.50 -9.09 1.65
CA ASN A 40 16.77 -8.57 2.14
C ASN A 40 17.25 -7.42 1.28
N VAL A 41 17.09 -7.54 -0.03
CA VAL A 41 17.48 -6.45 -0.93
C VAL A 41 16.60 -5.24 -0.68
N THR A 42 15.29 -5.44 -0.57
CA THR A 42 14.39 -4.31 -0.40
C THR A 42 14.66 -3.60 0.93
N GLU A 43 14.87 -4.36 2.01
CA GLU A 43 15.12 -3.74 3.31
C GLU A 43 16.38 -2.89 3.28
N GLU A 44 17.40 -3.28 2.51
CA GLU A 44 18.60 -2.46 2.39
C GLU A 44 18.28 -1.16 1.67
N LYS A 45 17.56 -1.24 0.55
CA LYS A 45 17.15 -0.03 -0.15
C LYS A 45 16.28 0.85 0.74
N TYR A 46 15.37 0.24 1.51
CA TYR A 46 14.47 1.03 2.34
C TYR A 46 15.21 1.71 3.47
N GLN A 47 16.12 0.99 4.13
CA GLN A 47 16.92 1.58 5.19
C GLN A 47 17.73 2.76 4.67
N GLU A 48 18.29 2.63 3.46
CA GLU A 48 19.00 3.75 2.85
C GLU A 48 18.07 4.95 2.69
N ALA A 49 16.85 4.71 2.19
CA ALA A 49 15.91 5.80 1.95
C ALA A 49 15.47 6.44 3.25
N LEU A 50 15.24 5.64 4.29
CA LEU A 50 14.80 6.18 5.57
C LEU A 50 15.86 7.07 6.19
N ALA A 51 17.13 6.66 6.11
CA ALA A 51 18.20 7.45 6.70
C ALA A 51 18.33 8.81 6.02
N LYS A 52 18.05 8.88 4.72
CA LYS A 52 18.07 10.16 4.00
C LYS A 52 16.74 10.90 4.10
N GLY A 53 15.72 10.27 4.65
CA GLY A 53 14.39 10.86 4.67
C GLY A 53 13.76 11.00 3.30
N ASP A 54 14.10 10.13 2.36
CA ASP A 54 13.55 10.20 1.00
C ASP A 54 12.19 9.52 1.02
N VAL A 55 11.14 10.31 1.23
CA VAL A 55 9.81 9.74 1.40
C VAL A 55 9.32 9.15 0.08
N THR A 56 9.68 9.80 -1.04
CA THR A 56 9.34 9.26 -2.35
C THR A 56 9.91 7.86 -2.53
N ALA A 57 11.20 7.69 -2.28
CA ALA A 57 11.81 6.38 -2.46
C ALA A 57 11.19 5.35 -1.52
N GLN A 58 10.81 5.77 -0.32
CA GLN A 58 10.18 4.84 0.60
C GLN A 58 8.84 4.36 0.06
N ILE A 59 8.03 5.26 -0.49
CA ILE A 59 6.71 4.88 -0.94
C ILE A 59 6.80 4.03 -2.20
N ALA A 60 7.74 4.35 -3.09
CA ALA A 60 7.90 3.57 -4.31
C ALA A 60 8.30 2.12 -4.00
N LEU A 61 8.98 1.91 -2.87
CA LEU A 61 9.42 0.56 -2.50
C LEU A 61 8.39 -0.23 -1.73
N GLN A 62 7.35 0.41 -1.21
CA GLN A 62 6.38 -0.30 -0.37
C GLN A 62 5.88 -1.59 -1.03
N PRO A 63 5.46 -1.60 -2.30
CA PRO A 63 4.94 -2.84 -2.89
C PRO A 63 5.92 -4.00 -2.82
N ALA A 64 7.20 -3.75 -3.08
CA ALA A 64 8.17 -4.84 -3.05
C ALA A 64 8.34 -5.38 -1.64
N LEU A 65 8.21 -4.51 -0.64
CA LEU A 65 8.35 -4.93 0.75
C LEU A 65 7.13 -5.73 1.21
N LYS A 66 5.93 -5.28 0.86
CA LYS A 66 4.73 -6.02 1.25
C LYS A 66 4.67 -7.36 0.52
N PHE A 67 5.07 -7.38 -0.75
CA PHE A 67 4.96 -8.59 -1.55
C PHE A 67 5.94 -9.66 -1.06
N ASN A 68 7.23 -9.32 -1.02
CA ASN A 68 8.23 -10.31 -0.64
C ASN A 68 8.26 -10.51 0.86
N GLY A 69 8.07 -9.43 1.64
CA GLY A 69 7.95 -9.58 3.07
C GLY A 69 6.76 -10.44 3.45
N GLY A 70 5.62 -10.21 2.79
CA GLY A 70 4.48 -11.06 3.01
C GLY A 70 4.73 -12.49 2.55
N GLY A 71 5.37 -12.64 1.39
CA GLY A 71 5.68 -13.98 0.90
C GLY A 71 6.50 -14.77 1.88
N HIS A 72 7.56 -14.15 2.42
CA HIS A 72 8.38 -14.79 3.44
C HIS A 72 7.54 -15.17 4.65
N ILE A 73 6.74 -14.23 5.14
CA ILE A 73 5.90 -14.51 6.30
C ILE A 73 4.97 -15.67 6.02
N ASN A 74 4.19 -15.57 4.94
CA ASN A 74 3.10 -16.51 4.71
C ASN A 74 3.62 -17.93 4.57
N HIS A 75 4.68 -18.11 3.78
CA HIS A 75 5.21 -19.45 3.55
C HIS A 75 5.86 -20.00 4.81
N SER A 76 6.52 -19.14 5.58
CA SER A 76 7.15 -19.60 6.82
C SER A 76 6.13 -20.16 7.78
N ILE A 77 4.91 -19.62 7.80
CA ILE A 77 3.83 -20.19 8.61
C ILE A 77 3.25 -21.41 7.92
N PHE A 78 3.07 -21.35 6.60
CA PHE A 78 2.43 -22.43 5.86
C PHE A 78 3.15 -23.75 6.09
N TRP A 79 4.48 -23.75 6.02
CA TRP A 79 5.23 -24.98 6.21
C TRP A 79 4.94 -25.58 7.58
N THR A 80 4.83 -24.74 8.60
CA THR A 80 4.54 -25.25 9.93
C THR A 80 3.10 -25.74 10.05
N ASN A 81 2.22 -25.30 9.16
CA ASN A 81 0.83 -25.74 9.19
C ASN A 81 0.62 -27.13 8.60
N LEU A 82 1.62 -27.68 7.93
CA LEU A 82 1.54 -29.01 7.36
C LEU A 82 2.51 -29.96 8.04
N SER A 83 2.16 -31.26 8.07
CA SER A 83 2.98 -32.28 8.69
C SER A 83 2.52 -33.64 8.19
N PRO A 84 3.42 -34.59 7.95
CA PRO A 84 2.96 -35.94 7.56
C PRO A 84 2.11 -36.62 8.62
N ASN A 85 2.29 -36.29 9.90
CA ASN A 85 1.47 -36.84 10.98
C ASN A 85 0.18 -36.07 11.16
N GLY A 86 -0.10 -35.11 10.29
CA GLY A 86 -1.26 -34.27 10.41
C GLY A 86 -2.51 -34.95 9.90
N GLY A 87 -3.54 -34.14 9.71
CA GLY A 87 -4.84 -34.64 9.33
C GLY A 87 -5.73 -34.85 10.52
N GLY A 88 -6.92 -35.37 10.23
CA GLY A 88 -7.88 -35.55 11.30
C GLY A 88 -8.43 -34.21 11.77
N GLU A 89 -8.78 -34.17 13.05
CA GLU A 89 -9.37 -33.00 13.67
C GLU A 89 -8.50 -32.52 14.83
N PRO A 90 -8.66 -31.26 15.24
CA PRO A 90 -7.97 -30.77 16.43
C PRO A 90 -8.70 -31.26 17.68
N LYS A 91 -8.11 -30.95 18.84
CA LYS A 91 -8.68 -31.34 20.12
C LYS A 91 -8.53 -30.17 21.09
N GLY A 92 -9.01 -30.35 22.31
CA GLY A 92 -8.79 -29.38 23.36
C GLY A 92 -9.55 -28.08 23.15
N GLU A 93 -8.94 -27.00 23.63
CA GLU A 93 -9.62 -25.70 23.60
C GLU A 93 -9.84 -25.21 22.18
N LEU A 94 -8.92 -25.57 21.26
CA LEU A 94 -9.08 -25.14 19.88
C LEU A 94 -10.35 -25.72 19.28
N LEU A 95 -10.58 -27.02 19.46
CA LEU A 95 -11.80 -27.63 18.96
C LEU A 95 -13.03 -26.99 19.58
N GLU A 96 -12.98 -26.69 20.88
CA GLU A 96 -14.10 -26.04 21.54
C GLU A 96 -14.38 -24.67 20.94
N ALA A 97 -13.32 -23.93 20.60
CA ALA A 97 -13.51 -22.62 19.99
C ALA A 97 -14.13 -22.75 18.61
N ILE A 98 -13.68 -23.72 17.82
CA ILE A 98 -14.23 -23.89 16.48
C ILE A 98 -15.71 -24.25 16.55
N LYS A 99 -16.09 -25.10 17.52
CA LYS A 99 -17.51 -25.42 17.68
C LYS A 99 -18.31 -24.19 18.07
N ARG A 100 -17.77 -23.39 18.97
CA ARG A 100 -18.52 -22.23 19.47
C ARG A 100 -18.65 -21.16 18.40
N ASP A 101 -17.58 -20.88 17.66
CA ASP A 101 -17.58 -19.77 16.72
C ASP A 101 -18.16 -20.14 15.35
N PHE A 102 -18.03 -21.41 14.93
CA PHE A 102 -18.49 -21.81 13.61
C PHE A 102 -19.61 -22.84 13.61
N GLY A 103 -19.93 -23.46 14.75
CA GLY A 103 -20.99 -24.43 14.82
C GLY A 103 -20.49 -25.86 14.99
N SER A 104 -19.59 -26.26 14.10
CA SER A 104 -18.97 -27.57 14.17
C SER A 104 -17.66 -27.50 13.42
N PHE A 105 -16.89 -28.58 13.48
CA PHE A 105 -15.66 -28.64 12.71
C PHE A 105 -15.95 -28.69 11.22
N ASP A 106 -16.97 -29.45 10.82
CA ASP A 106 -17.32 -29.54 9.40
C ASP A 106 -17.78 -28.20 8.85
N LYS A 107 -18.44 -27.38 9.67
CA LYS A 107 -18.88 -26.07 9.20
C LYS A 107 -17.69 -25.13 9.02
N PHE A 108 -16.71 -25.19 9.93
CA PHE A 108 -15.49 -24.42 9.78
C PHE A 108 -14.76 -24.77 8.49
N LYS A 109 -14.67 -26.07 8.17
CA LYS A 109 -14.04 -26.49 6.93
C LYS A 109 -14.76 -25.90 5.72
N GLU A 110 -16.09 -25.98 5.71
CA GLU A 110 -16.85 -25.42 4.59
C GLU A 110 -16.57 -23.93 4.45
N LYS A 111 -16.47 -23.23 5.57
CA LYS A 111 -16.28 -21.78 5.53
C LYS A 111 -14.86 -21.42 5.05
N LEU A 112 -13.84 -22.13 5.55
CA LEU A 112 -12.48 -21.84 5.10
C LEU A 112 -12.24 -22.33 3.68
N THR A 113 -12.84 -23.47 3.32
CA THR A 113 -12.78 -23.92 1.94
C THR A 113 -13.41 -22.89 1.01
N ALA A 114 -14.62 -22.43 1.35
CA ALA A 114 -15.32 -21.46 0.52
C ALA A 114 -14.52 -20.17 0.40
N ALA A 115 -13.92 -19.71 1.50
CA ALA A 115 -13.12 -18.49 1.43
C ALA A 115 -11.91 -18.69 0.52
N SER A 116 -11.27 -19.86 0.58
CA SER A 116 -10.07 -20.12 -0.20
C SER A 116 -10.39 -20.27 -1.68
N VAL A 117 -11.49 -20.95 -2.01
CA VAL A 117 -11.90 -21.04 -3.40
C VAL A 117 -12.33 -19.67 -3.92
N GLY A 118 -12.90 -18.83 -3.06
CA GLY A 118 -13.38 -17.53 -3.48
C GLY A 118 -12.29 -16.54 -3.85
N VAL A 119 -11.04 -16.83 -3.54
CA VAL A 119 -9.97 -15.90 -3.88
C VAL A 119 -9.92 -15.78 -5.39
N GLN A 120 -10.12 -14.57 -5.88
CA GLN A 120 -10.12 -14.30 -7.31
C GLN A 120 -8.72 -13.85 -7.68
N GLY A 121 -7.98 -14.72 -8.34
CA GLY A 121 -6.58 -14.48 -8.57
C GLY A 121 -5.74 -15.22 -7.54
N SER A 122 -4.59 -14.65 -7.22
CA SER A 122 -3.69 -15.22 -6.25
C SER A 122 -3.96 -14.66 -4.86
N GLY A 123 -3.74 -15.49 -3.85
CA GLY A 123 -3.93 -15.05 -2.48
C GLY A 123 -3.84 -16.23 -1.53
N TRP A 124 -4.39 -16.04 -0.34
CA TRP A 124 -4.35 -17.03 0.72
C TRP A 124 -5.67 -17.04 1.46
N GLY A 125 -6.08 -18.21 1.93
CA GLY A 125 -7.19 -18.34 2.85
C GLY A 125 -6.66 -18.54 4.26
N TRP A 126 -7.32 -17.89 5.23
CA TRP A 126 -6.81 -17.92 6.59
C TRP A 126 -7.89 -18.16 7.62
N LEU A 127 -7.54 -18.98 8.62
CA LEU A 127 -8.19 -18.96 9.93
C LEU A 127 -7.33 -18.10 10.85
N GLY A 128 -7.95 -17.12 11.50
CA GLY A 128 -7.24 -16.20 12.36
C GLY A 128 -7.92 -16.02 13.70
N PHE A 129 -7.23 -15.29 14.59
CA PHE A 129 -7.71 -14.98 15.92
C PHE A 129 -7.84 -13.48 16.09
N ASN A 130 -9.04 -13.02 16.45
CA ASN A 130 -9.30 -11.61 16.72
C ASN A 130 -9.05 -11.33 18.19
N LYS A 131 -7.94 -10.65 18.49
CA LYS A 131 -7.58 -10.37 19.88
C LYS A 131 -8.64 -9.51 20.56
N GLU A 132 -9.08 -8.44 19.88
CA GLU A 132 -10.02 -7.50 20.50
C GLU A 132 -11.31 -8.19 20.88
N ARG A 133 -11.87 -8.99 19.98
CA ARG A 133 -13.11 -9.71 20.22
C ARG A 133 -12.90 -11.04 20.92
N GLY A 134 -11.70 -11.59 20.86
CA GLY A 134 -11.43 -12.86 21.52
C GLY A 134 -12.13 -14.06 20.90
N HIS A 135 -12.15 -14.16 19.57
CA HIS A 135 -12.75 -15.32 18.93
C HIS A 135 -12.08 -15.57 17.58
N LEU A 136 -12.42 -16.70 16.98
CA LEU A 136 -11.87 -17.08 15.69
C LEU A 136 -12.57 -16.31 14.57
N GLN A 137 -11.89 -16.24 13.42
CA GLN A 137 -12.38 -15.50 12.28
C GLN A 137 -11.63 -15.97 11.05
N ILE A 138 -12.36 -16.16 9.96
CA ILE A 138 -11.77 -16.51 8.68
C ILE A 138 -11.67 -15.26 7.83
N ALA A 139 -10.58 -15.17 7.06
CA ALA A 139 -10.38 -14.08 6.12
C ALA A 139 -9.56 -14.60 4.93
N ALA A 140 -9.68 -13.90 3.80
CA ALA A 140 -8.87 -14.16 2.63
C ALA A 140 -8.03 -12.92 2.32
N CYS A 141 -6.86 -13.14 1.73
CA CYS A 141 -5.94 -12.05 1.42
C CYS A 141 -5.40 -12.20 0.00
N PRO A 142 -5.21 -11.10 -0.71
CA PRO A 142 -4.71 -11.17 -2.08
C PRO A 142 -3.19 -11.13 -2.17
N ASN A 143 -2.68 -11.76 -3.23
CA ASN A 143 -1.23 -11.78 -3.52
C ASN A 143 -0.53 -12.35 -2.30
N GLN A 144 0.59 -11.77 -1.85
CA GLN A 144 1.27 -12.23 -0.65
C GLN A 144 1.05 -11.28 0.52
N ASP A 145 -0.03 -10.53 0.49
CA ASP A 145 -0.40 -9.66 1.61
C ASP A 145 -0.56 -10.49 2.89
N PRO A 146 0.17 -10.20 3.95
CA PRO A 146 0.06 -11.01 5.17
C PRO A 146 -1.15 -10.63 6.01
N LEU A 147 -1.65 -11.63 6.75
CA LEU A 147 -2.88 -11.44 7.51
C LEU A 147 -2.70 -10.37 8.59
N GLN A 148 -1.77 -10.60 9.51
CA GLN A 148 -1.67 -9.75 10.69
C GLN A 148 -1.37 -8.31 10.29
N GLY A 149 -0.50 -8.11 9.30
CA GLY A 149 -0.09 -6.78 8.93
C GLY A 149 -1.20 -5.93 8.33
N THR A 150 -2.17 -6.56 7.68
CA THR A 150 -3.22 -5.82 6.99
C THR A 150 -4.55 -5.81 7.73
N THR A 151 -4.77 -6.76 8.64
CA THR A 151 -6.06 -6.90 9.30
C THR A 151 -6.00 -6.91 10.81
N GLY A 152 -4.82 -7.09 11.42
CA GLY A 152 -4.73 -7.17 12.86
C GLY A 152 -5.02 -8.53 13.45
N LEU A 153 -5.50 -9.48 12.65
CA LEU A 153 -5.77 -10.83 13.13
C LEU A 153 -4.48 -11.65 13.21
N ILE A 154 -4.42 -12.54 14.20
CA ILE A 154 -3.26 -13.40 14.41
C ILE A 154 -3.44 -14.65 13.55
N PRO A 155 -2.52 -14.94 12.63
CA PRO A 155 -2.67 -16.12 11.77
C PRO A 155 -2.56 -17.42 12.57
N LEU A 156 -3.52 -18.32 12.35
CA LEU A 156 -3.51 -19.65 12.94
C LEU A 156 -3.29 -20.74 11.89
N LEU A 157 -4.03 -20.68 10.78
CA LEU A 157 -3.92 -21.65 9.71
C LEU A 157 -4.08 -20.93 8.38
N GLY A 158 -3.11 -21.12 7.50
CA GLY A 158 -3.13 -20.50 6.18
C GLY A 158 -3.15 -21.55 5.08
N ILE A 159 -3.95 -21.29 4.05
CA ILE A 159 -4.02 -22.15 2.87
C ILE A 159 -3.56 -21.33 1.68
N ASP A 160 -2.42 -21.70 1.10
CA ASP A 160 -1.91 -21.06 -0.11
C ASP A 160 -2.70 -21.56 -1.32
N VAL A 161 -3.35 -20.65 -2.03
CA VAL A 161 -4.12 -20.99 -3.21
C VAL A 161 -3.57 -20.32 -4.46
N TRP A 162 -2.34 -19.82 -4.39
CA TRP A 162 -1.60 -19.51 -5.61
C TRP A 162 -1.58 -20.76 -6.48
N GLU A 163 -1.63 -20.55 -7.80
CA GLU A 163 -1.66 -21.69 -8.69
C GLU A 163 -0.40 -22.54 -8.58
N HIS A 164 0.75 -21.91 -8.30
CA HIS A 164 1.97 -22.71 -8.19
C HIS A 164 1.91 -23.65 -7.01
N ALA A 165 0.96 -23.47 -6.09
CA ALA A 165 0.83 -24.33 -4.92
C ALA A 165 0.19 -25.67 -5.25
N TYR A 166 -0.44 -25.82 -6.42
CA TYR A 166 -1.18 -27.04 -6.69
C TYR A 166 -1.29 -27.41 -8.17
N TYR A 167 -1.00 -26.47 -9.08
CA TYR A 167 -1.39 -26.67 -10.47
C TYR A 167 -0.78 -27.94 -11.05
N LEU A 168 0.51 -28.18 -10.79
CA LEU A 168 1.18 -29.32 -11.39
C LEU A 168 0.44 -30.61 -11.10
N GLN A 169 -0.19 -30.71 -9.94
CA GLN A 169 -0.88 -31.93 -9.54
C GLN A 169 -2.38 -31.91 -9.83
N TYR A 170 -3.05 -30.81 -9.50
CA TYR A 170 -4.50 -30.72 -9.62
C TYR A 170 -4.97 -29.85 -10.78
N LYS A 171 -4.05 -29.20 -11.49
CA LYS A 171 -4.39 -28.35 -12.64
C LYS A 171 -5.37 -27.27 -12.14
N ASN A 172 -6.42 -26.96 -12.88
CA ASN A 172 -7.29 -25.83 -12.55
C ASN A 172 -8.28 -26.11 -11.44
N VAL A 173 -8.36 -27.34 -10.95
CA VAL A 173 -9.41 -27.78 -10.04
C VAL A 173 -8.99 -27.56 -8.60
N ARG A 174 -8.95 -26.29 -8.19
CA ARG A 174 -8.60 -25.95 -6.82
C ARG A 174 -9.39 -26.76 -5.78
N PRO A 175 -10.68 -27.07 -5.97
CA PRO A 175 -11.41 -27.81 -4.93
C PRO A 175 -10.83 -29.19 -4.64
N ASP A 176 -10.14 -29.80 -5.60
CA ASP A 176 -9.48 -31.08 -5.32
C ASP A 176 -8.26 -30.88 -4.43
N TYR A 177 -7.48 -29.84 -4.68
CA TYR A 177 -6.34 -29.49 -3.83
C TYR A 177 -6.81 -29.19 -2.41
N LEU A 178 -7.87 -28.39 -2.27
CA LEU A 178 -8.39 -28.08 -0.95
C LEU A 178 -8.86 -29.35 -0.24
N LYS A 179 -9.45 -30.27 -1.00
CA LYS A 179 -9.92 -31.52 -0.42
C LYS A 179 -8.75 -32.35 0.11
N ALA A 180 -7.63 -32.36 -0.62
CA ALA A 180 -6.51 -33.19 -0.23
C ALA A 180 -5.75 -32.61 0.96
N ILE A 181 -5.65 -31.28 1.02
CA ILE A 181 -4.75 -30.66 1.98
C ILE A 181 -5.20 -30.89 3.41
N TRP A 182 -6.50 -31.09 3.63
CA TRP A 182 -6.98 -31.30 4.99
C TRP A 182 -6.37 -32.53 5.64
N ASN A 183 -5.83 -33.45 4.85
CA ASN A 183 -5.27 -34.67 5.44
C ASN A 183 -3.90 -34.46 6.06
N VAL A 184 -3.22 -33.36 5.75
CA VAL A 184 -1.87 -33.13 6.25
C VAL A 184 -1.79 -31.88 7.11
N ILE A 185 -2.93 -31.36 7.56
CA ILE A 185 -2.92 -30.16 8.39
C ILE A 185 -2.36 -30.50 9.76
N ASN A 186 -1.40 -29.70 10.22
CA ASN A 186 -0.72 -29.98 11.49
C ASN A 186 -1.49 -29.27 12.59
N TRP A 187 -2.55 -29.93 13.07
CA TRP A 187 -3.37 -29.33 14.10
C TRP A 187 -2.61 -29.14 15.41
N GLU A 188 -1.50 -29.85 15.59
CA GLU A 188 -0.70 -29.65 16.80
C GLU A 188 -0.06 -28.26 16.80
N ASN A 189 0.41 -27.80 15.65
CA ASN A 189 0.99 -26.45 15.57
C ASN A 189 -0.09 -25.38 15.63
N VAL A 190 -1.18 -25.56 14.88
CA VAL A 190 -2.27 -24.60 14.89
C VAL A 190 -2.72 -24.34 16.33
N THR A 191 -2.80 -25.40 17.13
CA THR A 191 -3.14 -25.24 18.55
C THR A 191 -2.11 -24.37 19.28
N GLU A 192 -0.82 -24.62 19.03
CA GLU A 192 0.22 -23.85 19.70
C GLU A 192 0.09 -22.36 19.43
N ARG A 193 -0.16 -22.00 18.17
CA ARG A 193 -0.39 -20.59 17.84
C ARG A 193 -1.63 -20.06 18.56
N TYR A 194 -2.69 -20.87 18.63
CA TYR A 194 -3.91 -20.45 19.32
C TYR A 194 -3.67 -20.24 20.80
N MET A 195 -3.08 -21.23 21.48
CA MET A 195 -2.89 -21.13 22.92
C MET A 195 -1.94 -19.99 23.27
N ALA A 196 -1.04 -19.62 22.35
CA ALA A 196 -0.10 -18.54 22.64
C ALA A 196 -0.83 -17.20 22.79
N CYS A 197 -1.86 -16.97 21.97
CA CYS A 197 -2.58 -15.71 22.05
C CYS A 197 -3.42 -15.63 23.32
N LYS A 198 -3.91 -16.76 23.81
CA LYS A 198 -4.65 -16.74 25.06
C LYS A 198 -3.71 -16.86 26.25
N LYS A 199 -4.16 -16.35 27.39
CA LYS A 199 -3.37 -16.38 28.61
C LYS A 199 -4.28 -16.41 29.83
N MET B 1 15.10 11.83 9.75
CA MET B 1 15.55 13.14 9.21
C MET B 1 14.87 14.29 9.96
N LYS B 2 13.65 14.04 10.43
CA LYS B 2 12.86 15.04 11.13
C LYS B 2 12.35 16.06 10.11
N HIS B 3 11.15 15.83 9.58
CA HIS B 3 10.55 16.73 8.61
C HIS B 3 9.92 17.92 9.32
N SER B 4 9.94 19.06 8.64
CA SER B 4 9.46 20.30 9.23
C SER B 4 8.44 20.94 8.30
N LEU B 5 7.53 21.67 8.91
CA LEU B 5 6.53 22.41 8.17
C LEU B 5 7.19 23.60 7.48
N PRO B 6 7.22 23.67 6.16
CA PRO B 6 7.86 24.81 5.51
C PRO B 6 7.09 26.09 5.77
N ASP B 7 7.82 27.19 5.90
CA ASP B 7 7.18 28.50 5.98
C ASP B 7 6.48 28.74 4.65
N LEU B 8 5.30 29.35 4.74
CA LEU B 8 4.59 29.73 3.52
C LEU B 8 5.31 30.89 2.84
N PRO B 9 5.44 30.86 1.51
CA PRO B 9 6.17 31.93 0.82
C PRO B 9 5.39 33.23 0.66
N TYR B 10 4.22 33.35 1.27
CA TYR B 10 3.41 34.56 1.17
C TYR B 10 2.41 34.61 2.32
N ASP B 11 1.87 35.79 2.55
CA ASP B 11 0.84 35.96 3.58
C ASP B 11 -0.36 35.06 3.29
N TYR B 12 -1.08 34.69 4.34
CA TYR B 12 -2.25 33.83 4.17
C TYR B 12 -3.28 34.48 3.24
N GLY B 13 -3.34 35.80 3.18
CA GLY B 13 -4.29 36.51 2.36
C GLY B 13 -3.80 37.02 1.02
N ALA B 14 -2.60 36.62 0.59
CA ALA B 14 -2.04 37.13 -0.66
C ALA B 14 -2.78 36.63 -1.89
N LEU B 15 -3.61 35.60 -1.75
CA LEU B 15 -4.31 35.00 -2.87
C LEU B 15 -5.78 35.41 -2.94
N GLU B 16 -6.24 36.26 -2.04
CA GLU B 16 -7.59 36.78 -2.13
C GLU B 16 -7.73 37.58 -3.44
N PRO B 17 -8.92 37.59 -4.05
CA PRO B 17 -10.12 36.91 -3.56
C PRO B 17 -10.28 35.48 -4.07
N HIS B 18 -9.27 34.95 -4.77
CA HIS B 18 -9.42 33.64 -5.39
C HIS B 18 -9.46 32.53 -4.35
N ILE B 19 -8.56 32.57 -3.37
CA ILE B 19 -8.53 31.62 -2.26
C ILE B 19 -8.41 32.46 -0.99
N ASN B 20 -9.46 32.48 -0.18
CA ASN B 20 -9.47 33.41 0.94
C ASN B 20 -8.43 33.05 1.98
N ALA B 21 -8.18 34.01 2.88
CA ALA B 21 -7.16 33.84 3.89
C ALA B 21 -7.53 32.78 4.92
N GLN B 22 -8.82 32.58 5.18
CA GLN B 22 -9.21 31.61 6.20
C GLN B 22 -8.76 30.20 5.81
N ILE B 23 -8.96 29.83 4.55
CA ILE B 23 -8.57 28.53 4.04
C ILE B 23 -7.06 28.35 4.14
N MET B 24 -6.29 29.30 3.62
CA MET B 24 -4.84 29.18 3.58
C MET B 24 -4.26 28.99 4.97
N GLN B 25 -4.84 29.67 5.97
CA GLN B 25 -4.38 29.52 7.35
C GLN B 25 -4.72 28.16 7.90
N LEU B 26 -5.93 27.65 7.63
CA LEU B 26 -6.27 26.29 8.06
C LEU B 26 -5.44 25.26 7.31
N HIS B 27 -5.33 25.42 5.99
CA HIS B 27 -4.70 24.40 5.16
C HIS B 27 -3.24 24.20 5.53
N HIS B 28 -2.53 25.29 5.79
CA HIS B 28 -1.12 25.23 6.12
C HIS B 28 -0.90 24.91 7.60
N SER B 29 -1.55 25.64 8.49
CA SER B 29 -1.22 25.55 9.91
C SER B 29 -1.90 24.38 10.61
N LYS B 30 -3.01 23.85 10.08
CA LYS B 30 -3.69 22.72 10.70
C LYS B 30 -3.54 21.44 9.89
N HIS B 31 -3.94 21.45 8.61
CA HIS B 31 -3.94 20.24 7.81
C HIS B 31 -2.51 19.79 7.48
N HIS B 32 -1.73 20.68 6.86
CA HIS B 32 -0.36 20.31 6.50
C HIS B 32 0.44 19.98 7.75
N ALA B 33 0.23 20.76 8.82
CA ALA B 33 0.96 20.51 10.06
C ALA B 33 0.68 19.11 10.60
N ALA B 34 -0.56 18.62 10.43
CA ALA B 34 -0.91 17.31 10.95
C ALA B 34 -0.18 16.20 10.20
N TYR B 35 -0.07 16.33 8.88
CA TYR B 35 0.63 15.32 8.09
C TYR B 35 2.09 15.22 8.51
N VAL B 36 2.76 16.36 8.67
CA VAL B 36 4.17 16.34 9.04
C VAL B 36 4.34 15.63 10.39
N ASN B 37 3.67 16.12 11.42
CA ASN B 37 3.82 15.58 12.77
C ASN B 37 3.63 14.07 12.78
N ASN B 38 2.51 13.59 12.23
CA ASN B 38 2.28 12.15 12.20
C ASN B 38 3.32 11.44 11.34
N LEU B 39 3.80 12.08 10.28
CA LEU B 39 4.87 11.49 9.49
C LEU B 39 6.10 11.26 10.35
N ASN B 40 6.50 12.26 11.12
CA ASN B 40 7.63 12.09 12.03
C ASN B 40 7.38 10.94 12.99
N VAL B 41 6.14 10.82 13.49
CA VAL B 41 5.79 9.72 14.38
C VAL B 41 5.92 8.40 13.66
N THR B 42 5.41 8.35 12.41
CA THR B 42 5.42 7.10 11.66
C THR B 42 6.84 6.63 11.36
N GLU B 43 7.72 7.55 10.93
CA GLU B 43 9.07 7.15 10.55
C GLU B 43 9.85 6.60 11.74
N GLU B 44 9.63 7.15 12.94
CA GLU B 44 10.33 6.65 14.11
C GLU B 44 9.91 5.21 14.42
N LYS B 45 8.61 4.93 14.36
CA LYS B 45 8.15 3.55 14.57
C LYS B 45 8.76 2.61 13.54
N TYR B 46 8.88 3.08 12.29
CA TYR B 46 9.41 2.23 11.22
C TYR B 46 10.89 1.94 11.42
N GLN B 47 11.65 2.94 11.84
CA GLN B 47 13.06 2.72 12.15
C GLN B 47 13.23 1.62 13.19
N GLU B 48 12.39 1.64 14.23
CA GLU B 48 12.40 0.56 15.21
C GLU B 48 12.07 -0.78 14.56
N ALA B 49 11.06 -0.81 13.69
CA ALA B 49 10.64 -2.08 13.09
C ALA B 49 11.74 -2.64 12.19
N LEU B 50 12.43 -1.78 11.44
CA LEU B 50 13.51 -2.26 10.58
C LEU B 50 14.64 -2.87 11.39
N ALA B 51 15.03 -2.21 12.49
CA ALA B 51 16.12 -2.70 13.33
C ALA B 51 15.78 -4.03 13.97
N LYS B 52 14.51 -4.26 14.32
CA LYS B 52 14.10 -5.55 14.85
C LYS B 52 13.75 -6.54 13.75
N GLY B 53 13.69 -6.10 12.50
CA GLY B 53 13.22 -6.96 11.43
C GLY B 53 11.78 -7.36 11.58
N ASP B 54 10.96 -6.52 12.21
CA ASP B 54 9.55 -6.84 12.42
C ASP B 54 8.84 -6.45 11.13
N VAL B 55 8.70 -7.42 10.22
CA VAL B 55 8.14 -7.12 8.90
C VAL B 55 6.66 -6.79 9.01
N THR B 56 5.96 -7.45 9.93
CA THR B 56 4.56 -7.13 10.18
C THR B 56 4.42 -5.65 10.55
N ALA B 57 5.23 -5.19 11.49
CA ALA B 57 5.14 -3.81 11.93
C ALA B 57 5.41 -2.84 10.78
N GLN B 58 6.29 -3.21 9.86
CA GLN B 58 6.57 -2.37 8.71
C GLN B 58 5.33 -2.21 7.83
N ILE B 59 4.61 -3.31 7.59
CA ILE B 59 3.47 -3.28 6.67
C ILE B 59 2.28 -2.56 7.30
N ALA B 60 2.06 -2.74 8.60
CA ALA B 60 0.96 -2.05 9.27
C ALA B 60 1.11 -0.54 9.19
N LEU B 61 2.35 -0.06 9.10
CA LEU B 61 2.62 1.37 9.06
C LEU B 61 2.53 1.96 7.67
N GLN B 62 2.58 1.14 6.62
CA GLN B 62 2.54 1.62 5.24
C GLN B 62 1.39 2.58 4.98
N PRO B 63 0.15 2.26 5.32
CA PRO B 63 -0.94 3.23 5.06
C PRO B 63 -0.66 4.58 5.68
N ALA B 64 -0.16 4.60 6.92
CA ALA B 64 0.11 5.87 7.59
C ALA B 64 1.28 6.61 6.95
N LEU B 65 2.27 5.88 6.44
CA LEU B 65 3.42 6.53 5.81
C LEU B 65 3.04 7.11 4.45
N LYS B 66 2.28 6.37 3.65
CA LYS B 66 1.88 6.89 2.36
C LYS B 66 0.92 8.06 2.53
N PHE B 67 0.05 8.01 3.55
CA PHE B 67 -0.95 9.04 3.74
C PHE B 67 -0.31 10.35 4.20
N ASN B 68 0.41 10.31 5.33
CA ASN B 68 0.99 11.53 5.87
C ASN B 68 2.26 11.92 5.12
N GLY B 69 3.08 10.95 4.73
CA GLY B 69 4.23 11.26 3.91
C GLY B 69 3.84 11.91 2.59
N GLY B 70 2.79 11.40 1.96
CA GLY B 70 2.28 12.05 0.76
C GLY B 70 1.74 13.44 1.05
N GLY B 71 1.02 13.59 2.15
CA GLY B 71 0.48 14.90 2.50
C GLY B 71 1.57 15.96 2.58
N HIS B 72 2.68 15.65 3.25
CA HIS B 72 3.81 16.57 3.33
C HIS B 72 4.32 16.94 1.93
N ILE B 73 4.52 15.94 1.08
CA ILE B 73 5.03 16.19 -0.26
C ILE B 73 4.07 17.07 -1.04
N ASN B 74 2.80 16.66 -1.12
CA ASN B 74 1.87 17.31 -2.02
C ASN B 74 1.64 18.77 -1.63
N HIS B 75 1.45 19.05 -0.34
CA HIS B 75 1.24 20.43 0.08
C HIS B 75 2.52 21.25 0.00
N SER B 76 3.67 20.65 0.30
CA SER B 76 4.93 21.38 0.18
C SER B 76 5.16 21.85 -1.25
N ILE B 77 4.69 21.09 -2.24
CA ILE B 77 4.74 21.51 -3.62
C ILE B 77 3.63 22.51 -3.92
N PHE B 78 2.43 22.25 -3.39
CA PHE B 78 1.25 23.06 -3.70
C PHE B 78 1.47 24.54 -3.42
N TRP B 79 2.06 24.87 -2.27
CA TRP B 79 2.27 26.27 -1.91
C TRP B 79 3.12 26.99 -2.94
N THR B 80 4.16 26.32 -3.45
CA THR B 80 5.04 26.94 -4.44
C THR B 80 4.38 27.09 -5.80
N ASN B 81 3.31 26.33 -6.03
CA ASN B 81 2.57 26.40 -7.28
C ASN B 81 1.58 27.56 -7.32
N LEU B 82 1.36 28.23 -6.21
CA LEU B 82 0.50 29.40 -6.13
C LEU B 82 1.35 30.62 -5.80
N SER B 83 0.86 31.79 -6.22
CA SER B 83 1.59 33.02 -5.92
C SER B 83 0.67 34.20 -6.12
N PRO B 84 0.79 35.25 -5.31
CA PRO B 84 -0.02 36.46 -5.55
C PRO B 84 0.25 37.08 -6.92
N ASN B 85 1.46 36.91 -7.44
CA ASN B 85 1.85 37.39 -8.76
C ASN B 85 1.54 36.38 -9.87
N GLY B 86 0.81 35.32 -9.54
CA GLY B 86 0.56 34.25 -10.49
C GLY B 86 -0.57 34.57 -11.45
N GLY B 87 -1.03 33.52 -12.12
CA GLY B 87 -2.07 33.65 -13.13
C GLY B 87 -1.51 33.81 -14.53
N GLY B 88 -2.45 33.99 -15.46
CA GLY B 88 -2.10 34.08 -16.86
C GLY B 88 -1.67 32.74 -17.42
N GLU B 89 -0.79 32.80 -18.41
CA GLU B 89 -0.30 31.62 -19.09
C GLU B 89 1.22 31.55 -18.96
N PRO B 90 1.81 30.37 -19.13
CA PRO B 90 3.27 30.25 -19.14
C PRO B 90 3.83 30.70 -20.49
N LYS B 91 5.16 30.72 -20.56
CA LYS B 91 5.86 31.13 -21.77
C LYS B 91 7.05 30.20 -21.97
N GLY B 92 7.79 30.43 -23.06
CA GLY B 92 9.01 29.68 -23.28
C GLY B 92 8.75 28.23 -23.61
N GLU B 93 9.68 27.37 -23.17
CA GLU B 93 9.64 25.97 -23.56
C GLU B 93 8.46 25.23 -22.94
N LEU B 94 8.00 25.63 -21.75
CA LEU B 94 6.85 24.95 -21.15
C LEU B 94 5.60 25.14 -22.01
N LEU B 95 5.33 26.37 -22.42
CA LEU B 95 4.17 26.62 -23.28
C LEU B 95 4.29 25.85 -24.59
N GLU B 96 5.50 25.76 -25.12
CA GLU B 96 5.71 24.98 -26.34
C GLU B 96 5.36 23.51 -26.11
N ALA B 97 5.71 22.98 -24.93
CA ALA B 97 5.37 21.60 -24.60
C ALA B 97 3.86 21.42 -24.43
N ILE B 98 3.20 22.39 -23.79
CA ILE B 98 1.75 22.29 -23.61
C ILE B 98 1.06 22.31 -24.97
N LYS B 99 1.55 23.14 -25.91
CA LYS B 99 0.97 23.15 -27.25
C LYS B 99 1.18 21.82 -27.95
N ARG B 100 2.38 21.26 -27.85
CA ARG B 100 2.70 20.03 -28.58
C ARG B 100 1.93 18.84 -28.01
N ASP B 101 1.85 18.74 -26.69
CA ASP B 101 1.28 17.54 -26.08
C ASP B 101 -0.23 17.60 -25.96
N PHE B 102 -0.80 18.80 -25.81
CA PHE B 102 -2.22 18.94 -25.60
C PHE B 102 -2.93 19.71 -26.71
N GLY B 103 -2.20 20.38 -27.60
CA GLY B 103 -2.81 21.13 -28.66
C GLY B 103 -2.76 22.63 -28.42
N SER B 104 -3.23 23.06 -27.25
CA SER B 104 -3.20 24.47 -26.89
C SER B 104 -3.24 24.61 -25.39
N PHE B 105 -3.11 25.85 -24.92
CA PHE B 105 -3.19 26.09 -23.48
C PHE B 105 -4.61 25.90 -22.96
N ASP B 106 -5.61 26.37 -23.71
CA ASP B 106 -6.99 26.24 -23.25
C ASP B 106 -7.43 24.78 -23.20
N LYS B 107 -6.95 23.94 -24.12
CA LYS B 107 -7.30 22.53 -24.09
C LYS B 107 -6.62 21.82 -22.92
N PHE B 108 -5.40 22.22 -22.57
CA PHE B 108 -4.74 21.68 -21.39
C PHE B 108 -5.53 22.00 -20.13
N LYS B 109 -6.00 23.24 -20.00
CA LYS B 109 -6.80 23.62 -18.84
C LYS B 109 -8.06 22.77 -18.75
N GLU B 110 -8.75 22.57 -19.89
CA GLU B 110 -9.96 21.77 -19.87
C GLU B 110 -9.70 20.35 -19.38
N LYS B 111 -8.59 19.74 -19.84
CA LYS B 111 -8.33 18.35 -19.45
C LYS B 111 -7.89 18.25 -18.00
N LEU B 112 -7.04 19.17 -17.54
CA LEU B 112 -6.65 19.13 -16.14
C LEU B 112 -7.81 19.53 -15.23
N THR B 113 -8.67 20.44 -15.70
CA THR B 113 -9.89 20.76 -14.97
C THR B 113 -10.76 19.52 -14.83
N ALA B 114 -10.99 18.82 -15.94
CA ALA B 114 -11.82 17.63 -15.93
C ALA B 114 -11.24 16.55 -15.03
N ALA B 115 -9.92 16.37 -15.04
CA ALA B 115 -9.32 15.37 -14.17
C ALA B 115 -9.56 15.72 -12.70
N SER B 116 -9.47 17.01 -12.37
CA SER B 116 -9.63 17.44 -10.99
C SER B 116 -11.09 17.33 -10.55
N VAL B 117 -12.03 17.71 -11.43
CA VAL B 117 -13.45 17.57 -11.12
C VAL B 117 -13.84 16.09 -11.04
N GLY B 118 -13.22 15.24 -11.85
CA GLY B 118 -13.56 13.83 -11.90
C GLY B 118 -13.12 13.02 -10.68
N VAL B 119 -12.24 13.56 -9.83
CA VAL B 119 -11.79 12.78 -8.68
C VAL B 119 -12.97 12.47 -7.79
N GLN B 120 -13.18 11.18 -7.55
CA GLN B 120 -14.27 10.70 -6.70
C GLN B 120 -13.75 10.49 -5.28
N GLY B 121 -14.13 11.40 -4.38
CA GLY B 121 -13.57 11.44 -3.05
C GLY B 121 -12.47 12.48 -2.92
N SER B 122 -11.54 12.24 -2.02
CA SER B 122 -10.42 13.15 -1.81
C SER B 122 -9.26 12.75 -2.70
N GLY B 123 -8.50 13.75 -3.14
CA GLY B 123 -7.35 13.46 -3.99
C GLY B 123 -6.75 14.72 -4.56
N TRP B 124 -6.01 14.54 -5.65
CA TRP B 124 -5.28 15.62 -6.30
C TRP B 124 -5.32 15.44 -7.81
N GLY B 125 -5.33 16.56 -8.53
CA GLY B 125 -5.10 16.56 -9.96
C GLY B 125 -3.67 17.00 -10.25
N TRP B 126 -3.04 16.38 -11.23
CA TRP B 126 -1.64 16.68 -11.50
C TRP B 126 -1.36 16.83 -12.98
N LEU B 127 -0.56 17.85 -13.31
CA LEU B 127 0.23 17.89 -14.52
C LEU B 127 1.62 17.38 -14.16
N GLY B 128 2.10 16.39 -14.90
CA GLY B 128 3.38 15.78 -14.61
C GLY B 128 4.22 15.64 -15.88
N PHE B 129 5.46 15.20 -15.66
CA PHE B 129 6.41 14.96 -16.74
C PHE B 129 6.78 13.49 -16.74
N ASN B 130 6.59 12.83 -17.88
CA ASN B 130 6.95 11.43 -18.05
C ASN B 130 8.40 11.38 -18.53
N LYS B 131 9.30 10.97 -17.64
CA LYS B 131 10.72 10.96 -17.99
C LYS B 131 10.98 10.00 -19.14
N GLU B 132 10.41 8.79 -19.07
CA GLU B 132 10.68 7.78 -20.08
C GLU B 132 10.23 8.24 -21.47
N ARG B 133 8.99 8.73 -21.57
CA ARG B 133 8.46 9.18 -22.85
C ARG B 133 8.89 10.61 -23.19
N GLY B 134 9.32 11.38 -22.20
CA GLY B 134 9.77 12.73 -22.46
C GLY B 134 8.66 13.67 -22.91
N HIS B 135 7.50 13.58 -22.28
CA HIS B 135 6.39 14.46 -22.61
C HIS B 135 5.53 14.65 -21.37
N LEU B 136 4.58 15.58 -21.47
CA LEU B 136 3.68 15.89 -20.36
C LEU B 136 2.58 14.84 -20.27
N GLN B 137 1.93 14.80 -19.11
CA GLN B 137 0.91 13.81 -18.83
C GLN B 137 0.06 14.32 -17.68
N ILE B 138 -1.26 14.19 -17.81
CA ILE B 138 -2.17 14.53 -16.72
C ILE B 138 -2.54 13.26 -15.97
N ALA B 139 -2.59 13.36 -14.65
CA ALA B 139 -3.00 12.23 -13.83
C ALA B 139 -3.68 12.75 -12.57
N ALA B 140 -4.52 11.89 -12.01
CA ALA B 140 -5.17 12.12 -10.72
C ALA B 140 -4.74 11.03 -9.74
N CYS B 141 -4.72 11.39 -8.46
CA CYS B 141 -4.32 10.48 -7.40
C CYS B 141 -5.34 10.57 -6.27
N PRO B 142 -5.67 9.46 -5.63
CA PRO B 142 -6.64 9.51 -4.53
C PRO B 142 -5.97 9.82 -3.20
N ASN B 143 -6.73 10.50 -2.35
CA ASN B 143 -6.28 10.82 -0.98
C ASN B 143 -4.97 11.59 -1.11
N GLN B 144 -3.93 11.26 -0.35
CA GLN B 144 -2.65 11.93 -0.49
C GLN B 144 -1.58 11.06 -1.16
N ASP B 145 -1.99 10.07 -1.93
CA ASP B 145 -1.02 9.28 -2.69
C ASP B 145 -0.17 10.22 -3.55
N PRO B 146 1.15 10.23 -3.41
CA PRO B 146 1.97 11.16 -4.19
C PRO B 146 2.18 10.71 -5.61
N LEU B 147 2.34 11.69 -6.49
CA LEU B 147 2.45 11.41 -7.91
C LEU B 147 3.70 10.59 -8.20
N GLN B 148 4.87 11.13 -7.83
CA GLN B 148 6.12 10.49 -8.23
C GLN B 148 6.26 9.11 -7.60
N GLY B 149 5.89 8.98 -6.33
CA GLY B 149 6.08 7.71 -5.64
C GLY B 149 5.23 6.60 -6.19
N THR B 150 4.06 6.93 -6.73
CA THR B 150 3.12 5.90 -7.15
C THR B 150 3.08 5.70 -8.66
N THR B 151 3.53 6.68 -9.45
CA THR B 151 3.43 6.59 -10.90
C THR B 151 4.75 6.84 -11.62
N GLY B 152 5.76 7.39 -10.95
CA GLY B 152 7.01 7.73 -11.59
C GLY B 152 7.03 9.07 -12.28
N LEU B 153 5.89 9.74 -12.42
CA LEU B 153 5.83 11.03 -13.06
C LEU B 153 6.31 12.13 -12.12
N ILE B 154 6.97 13.13 -12.68
CA ILE B 154 7.51 14.25 -11.93
C ILE B 154 6.43 15.31 -11.79
N PRO B 155 6.05 15.71 -10.57
CA PRO B 155 4.98 16.72 -10.42
C PRO B 155 5.44 18.08 -10.95
N LEU B 156 4.58 18.69 -11.77
CA LEU B 156 4.78 20.05 -12.25
C LEU B 156 3.76 21.02 -11.68
N LEU B 157 2.49 20.63 -11.69
CA LEU B 157 1.41 21.43 -11.14
C LEU B 157 0.42 20.49 -10.48
N GLY B 158 0.10 20.76 -9.22
CA GLY B 158 -0.87 19.97 -8.49
C GLY B 158 -2.07 20.81 -8.09
N ILE B 159 -3.26 20.22 -8.18
CA ILE B 159 -4.50 20.87 -7.75
C ILE B 159 -5.08 20.02 -6.64
N ASP B 160 -5.12 20.58 -5.42
CA ASP B 160 -5.72 19.90 -4.27
C ASP B 160 -7.24 20.03 -4.37
N VAL B 161 -7.92 18.89 -4.43
CA VAL B 161 -9.38 18.89 -4.52
C VAL B 161 -10.02 18.21 -3.31
N TRP B 162 -9.26 18.00 -2.23
CA TRP B 162 -9.87 17.74 -0.94
C TRP B 162 -10.86 18.87 -0.62
N GLU B 163 -11.96 18.51 0.02
CA GLU B 163 -13.00 19.51 0.28
C GLU B 163 -12.50 20.63 1.18
N HIS B 164 -11.57 20.32 2.09
CA HIS B 164 -11.05 21.37 2.97
C HIS B 164 -10.29 22.45 2.19
N ALA B 165 -9.92 22.17 0.95
CA ALA B 165 -9.19 23.16 0.17
C ALA B 165 -10.10 24.26 -0.35
N TYR B 166 -11.42 24.08 -0.33
CA TYR B 166 -12.28 25.07 -0.96
C TYR B 166 -13.67 25.21 -0.36
N TYR B 167 -14.10 24.24 0.44
CA TYR B 167 -15.51 24.19 0.79
C TYR B 167 -15.98 25.47 1.47
N LEU B 168 -15.18 25.98 2.42
CA LEU B 168 -15.62 27.15 3.18
C LEU B 168 -16.01 28.31 2.28
N GLN B 169 -15.33 28.45 1.14
CA GLN B 169 -15.55 29.56 0.22
C GLN B 169 -16.53 29.19 -0.89
N TYR B 170 -16.33 28.03 -1.52
CA TYR B 170 -17.09 27.64 -2.69
C TYR B 170 -18.14 26.58 -2.39
N LYS B 171 -18.17 26.04 -1.18
CA LYS B 171 -19.17 25.04 -0.79
C LYS B 171 -19.03 23.84 -1.73
N ASN B 172 -20.14 23.30 -2.24
CA ASN B 172 -20.11 22.08 -3.03
C ASN B 172 -19.67 22.32 -4.47
N VAL B 173 -19.48 23.58 -4.85
CA VAL B 173 -19.27 23.93 -6.24
C VAL B 173 -17.78 23.86 -6.55
N ARG B 174 -17.25 22.64 -6.58
CA ARG B 174 -15.85 22.44 -6.94
C ARG B 174 -15.46 23.14 -8.23
N PRO B 175 -16.29 23.17 -9.27
CA PRO B 175 -15.85 23.76 -10.55
C PRO B 175 -15.52 25.24 -10.47
N ASP B 176 -16.13 25.99 -9.54
CA ASP B 176 -15.77 27.40 -9.39
C ASP B 176 -14.39 27.55 -8.77
N TYR B 177 -14.08 26.73 -7.76
CA TYR B 177 -12.75 26.74 -7.17
C TYR B 177 -11.69 26.46 -8.23
N LEU B 178 -11.94 25.48 -9.10
CA LEU B 178 -10.98 25.20 -10.17
C LEU B 178 -10.82 26.39 -11.11
N LYS B 179 -11.92 27.06 -11.46
CA LYS B 179 -11.83 28.19 -12.36
C LYS B 179 -11.06 29.34 -11.72
N ALA B 180 -11.23 29.53 -10.41
CA ALA B 180 -10.57 30.64 -9.73
C ALA B 180 -9.08 30.36 -9.54
N ILE B 181 -8.73 29.10 -9.27
CA ILE B 181 -7.35 28.79 -8.91
C ILE B 181 -6.39 29.06 -10.06
N TRP B 182 -6.89 29.07 -11.30
CA TRP B 182 -6.04 29.39 -12.44
C TRP B 182 -5.51 30.82 -12.35
N ASN B 183 -6.15 31.66 -11.55
CA ASN B 183 -5.75 33.06 -11.44
C ASN B 183 -4.49 33.26 -10.61
N VAL B 184 -4.07 32.27 -9.82
CA VAL B 184 -2.92 32.43 -8.93
C VAL B 184 -1.84 31.38 -9.22
N ILE B 185 -1.90 30.70 -10.35
CA ILE B 185 -0.91 29.66 -10.62
C ILE B 185 0.44 30.31 -10.87
N ASN B 186 1.46 29.82 -10.16
CA ASN B 186 2.84 30.32 -10.27
C ASN B 186 3.57 29.53 -11.35
N TRP B 187 3.36 29.95 -12.60
CA TRP B 187 4.01 29.28 -13.72
C TRP B 187 5.52 29.43 -13.68
N GLU B 188 6.04 30.38 -12.90
CA GLU B 188 7.48 30.52 -12.77
C GLU B 188 8.08 29.29 -12.09
N ASN B 189 7.38 28.75 -11.08
CA ASN B 189 7.87 27.53 -10.44
C ASN B 189 7.65 26.30 -11.32
N VAL B 190 6.46 26.18 -11.91
CA VAL B 190 6.17 25.06 -12.81
C VAL B 190 7.23 24.96 -13.89
N THR B 191 7.64 26.10 -14.43
CA THR B 191 8.70 26.11 -15.43
C THR B 191 9.98 25.53 -14.84
N GLU B 192 10.35 25.95 -13.63
CA GLU B 192 11.57 25.44 -13.03
C GLU B 192 11.52 23.93 -12.88
N ARG B 193 10.39 23.41 -12.38
CA ARG B 193 10.24 21.97 -12.25
C ARG B 193 10.32 21.29 -13.60
N TYR B 194 9.73 21.91 -14.63
CA TYR B 194 9.82 21.33 -15.97
C TYR B 194 11.27 21.35 -16.46
N MET B 195 11.93 22.51 -16.37
CA MET B 195 13.30 22.60 -16.87
C MET B 195 14.25 21.71 -16.07
N ALA B 196 13.93 21.44 -14.80
CA ALA B 196 14.78 20.58 -13.99
C ALA B 196 14.78 19.15 -14.52
N CYS B 197 13.64 18.69 -15.06
CA CYS B 197 13.54 17.32 -15.56
C CYS B 197 14.42 17.11 -16.78
N LYS B 198 14.59 18.15 -17.60
CA LYS B 198 15.47 18.12 -18.75
C LYS B 198 16.89 18.45 -18.32
N LYS B 199 17.85 17.96 -19.09
CA LYS B 199 19.27 18.09 -18.77
C LYS B 199 19.71 19.56 -18.80
MN MN C . 3.48 -19.82 -2.60
D D8U D . 6.68 -22.62 -8.74
D D8U E . 2.73 -16.60 -2.66
MN MN F . -5.09 19.63 1.41
D D8U G . -9.40 21.76 6.74
D D8U H . -5.61 15.52 5.59
#